data_4BA3
#
_entry.id   4BA3
#
_cell.length_a   78.829
_cell.length_b   90.090
_cell.length_c   99.427
_cell.angle_alpha   90.00
_cell.angle_beta   90.00
_cell.angle_gamma   90.00
#
_symmetry.space_group_name_H-M   'P 21 21 21'
#
loop_
_entity.id
_entity.type
_entity.pdbx_description
1 polymer 'IMPORTIN SUBUNIT ALPHA-2'
2 polymer A89NLS
3 water water
#
loop_
_entity_poly.entity_id
_entity_poly.type
_entity_poly.pdbx_seq_one_letter_code
_entity_poly.pdbx_strand_id
1 'polypeptide(L)'
;GSGMKETAAAKFERQHMDSPDLGTDDDDKAMADIGSNQGTVNWSVEDIVKGINSNNLESQLQATQAARKLLSREKQPPID
NIIRAGLIPKFVSFLGKTDCSPIQFESAWALTNIASGTSEQTKAVVDGGAIPAFISLLASPHAHISEQAVWALGNIAGDG
SAFRDLVIKHGAIDPLLALLAVPDLSTLACGYLRNLTWTLSNLCRNKNPAPPLDAVEQILPTLVRLLHHNDPEVLADSCW
AISYLTDGPNERIEMVVKKGVVPQLVKLLGATELPIVTPALRAIGNIVTGTDEQTQKVIDAGALAVFPSLLTNPKTNIQK
EATWTMSNITAGRQDQIQQVVNHGLVPFLVGVLSKADFKTQKEAAWAITNYTSGGTVEQIVYLVHCGIIEPLMNLLSAKD
TKIIQVILDAISNIFQAAEKLGETEKLSIMIEECGGLDKIEALQRHENESVYKASLNLIEKYFSVEEEEDQNVVPETTSE
GFAFQVQDGAPGTFNF
;
A
2 'polypeptide(L)' VHKTVLGKRKYW B
#
# COMPACT_ATOMS: atom_id res chain seq x y z
N ASN A 37 37.15 3.89 -13.77
CA ASN A 37 37.68 4.99 -14.57
C ASN A 37 37.82 6.26 -13.71
N GLN A 38 39.00 6.47 -13.08
CA GLN A 38 39.31 7.61 -12.22
C GLN A 38 39.34 8.95 -13.01
N GLY A 39 39.49 8.84 -14.34
CA GLY A 39 39.52 9.98 -15.25
C GLY A 39 38.20 10.71 -15.41
N THR A 40 37.06 10.09 -15.02
CA THR A 40 35.72 10.68 -15.10
C THR A 40 35.15 10.97 -13.68
N VAL A 41 36.03 11.01 -12.66
CA VAL A 41 35.63 11.24 -11.28
C VAL A 41 35.81 12.74 -10.92
N ASN A 42 34.78 13.30 -10.25
CA ASN A 42 34.68 14.67 -9.71
C ASN A 42 34.86 15.76 -10.78
N TRP A 43 34.22 15.60 -11.95
CA TRP A 43 34.24 16.64 -12.97
C TRP A 43 33.31 17.77 -12.57
N SER A 44 33.58 18.98 -13.04
CA SER A 44 32.68 20.11 -12.87
C SER A 44 31.61 20.02 -13.96
N VAL A 45 30.46 20.70 -13.76
CA VAL A 45 29.36 20.74 -14.72
C VAL A 45 29.87 21.39 -16.03
N GLU A 46 30.69 22.45 -15.90
CA GLU A 46 31.30 23.20 -17.01
C GLU A 46 32.10 22.25 -17.94
N ASP A 47 32.92 21.34 -17.37
CA ASP A 47 33.73 20.36 -18.11
C ASP A 47 32.84 19.31 -18.79
N ILE A 48 31.77 18.87 -18.11
CA ILE A 48 30.80 17.91 -18.65
C ILE A 48 30.16 18.52 -19.89
N VAL A 49 29.76 19.81 -19.81
CA VAL A 49 29.15 20.56 -20.92
C VAL A 49 30.13 20.63 -22.11
N LYS A 50 31.41 20.95 -21.82
CA LYS A 50 32.45 21.06 -22.87
C LYS A 50 32.62 19.73 -23.61
N GLY A 51 32.67 18.63 -22.88
CA GLY A 51 32.78 17.29 -23.46
C GLY A 51 31.57 16.88 -24.28
N ILE A 52 30.36 17.13 -23.74
CA ILE A 52 29.11 16.76 -24.41
C ILE A 52 28.89 17.63 -25.66
N ASN A 53 29.34 18.91 -25.64
CA ASN A 53 29.18 19.79 -26.80
C ASN A 53 30.29 19.62 -27.85
N SER A 54 31.30 18.75 -27.60
CA SER A 54 32.36 18.47 -28.57
C SER A 54 31.76 17.69 -29.73
N ASN A 55 32.41 17.67 -30.88
CA ASN A 55 31.82 16.89 -31.98
C ASN A 55 32.49 15.50 -32.04
N ASN A 56 32.85 14.96 -30.87
CA ASN A 56 33.59 13.72 -30.69
C ASN A 56 32.83 12.76 -29.77
N LEU A 57 32.30 11.66 -30.36
CA LEU A 57 31.51 10.66 -29.63
C LEU A 57 32.23 10.14 -28.40
N GLU A 58 33.55 9.89 -28.49
CA GLU A 58 34.33 9.40 -27.35
C GLU A 58 34.43 10.44 -26.22
N SER A 59 34.64 11.73 -26.56
CA SER A 59 34.66 12.82 -25.57
C SER A 59 33.28 12.97 -24.94
N GLN A 60 32.22 12.78 -25.75
CA GLN A 60 30.82 12.83 -25.30
C GLN A 60 30.57 11.68 -24.32
N LEU A 61 31.08 10.47 -24.65
CA LEU A 61 30.94 9.30 -23.80
C LEU A 61 31.62 9.53 -22.43
N GLN A 62 32.87 10.01 -22.42
CA GLN A 62 33.61 10.27 -21.16
C GLN A 62 32.91 11.33 -20.30
N ALA A 63 32.39 12.40 -20.94
CA ALA A 63 31.66 13.45 -20.22
C ALA A 63 30.31 12.95 -19.70
N THR A 64 29.63 12.04 -20.44
CA THR A 64 28.35 11.47 -19.99
C THR A 64 28.59 10.58 -18.76
N GLN A 65 29.67 9.78 -18.79
CA GLN A 65 30.04 8.94 -17.65
C GLN A 65 30.36 9.82 -16.44
N ALA A 66 31.10 10.92 -16.66
CA ALA A 66 31.42 11.90 -15.63
C ALA A 66 30.13 12.48 -15.02
N ALA A 67 29.11 12.76 -15.86
CA ALA A 67 27.79 13.25 -15.42
C ALA A 67 27.06 12.20 -14.59
N ARG A 68 27.07 10.91 -15.03
CA ARG A 68 26.36 9.91 -14.23
C ARG A 68 27.05 9.69 -12.89
N LYS A 69 28.39 9.85 -12.82
CA LYS A 69 29.12 9.69 -11.56
C LYS A 69 28.75 10.82 -10.59
N LEU A 70 28.62 12.08 -11.10
CA LEU A 70 28.17 13.23 -10.32
C LEU A 70 26.75 13.01 -9.80
N LEU A 71 25.85 12.53 -10.68
CA LEU A 71 24.45 12.28 -10.38
C LEU A 71 24.24 11.06 -9.49
N SER A 72 25.26 10.21 -9.29
CA SER A 72 25.09 9.04 -8.43
C SER A 72 25.86 9.17 -7.08
N ARG A 73 26.36 10.38 -6.75
CA ARG A 73 27.04 10.61 -5.47
C ARG A 73 25.97 10.73 -4.36
N GLU A 74 26.28 10.20 -3.16
CA GLU A 74 25.33 10.17 -2.03
C GLU A 74 24.98 11.58 -1.51
N LYS A 75 25.96 12.45 -1.39
CA LYS A 75 25.72 13.81 -0.95
C LYS A 75 25.23 14.74 -2.05
N GLN A 76 24.00 15.21 -1.90
CA GLN A 76 23.38 16.18 -2.81
C GLN A 76 23.97 16.27 -4.22
N PRO A 77 23.66 15.28 -5.05
CA PRO A 77 24.03 15.31 -6.46
C PRO A 77 23.44 16.52 -7.16
N PRO A 78 24.20 17.15 -8.05
CA PRO A 78 23.78 18.42 -8.65
C PRO A 78 22.77 18.27 -9.79
N ILE A 79 21.57 17.74 -9.49
CA ILE A 79 20.53 17.50 -10.48
C ILE A 79 20.10 18.81 -11.15
N ASP A 80 19.76 19.87 -10.38
CA ASP A 80 19.32 21.15 -10.93
C ASP A 80 20.41 21.83 -11.78
N ASN A 81 21.68 21.72 -11.38
CA ASN A 81 22.80 22.28 -12.16
C ASN A 81 22.93 21.58 -13.52
N ILE A 82 22.73 20.24 -13.56
CA ILE A 82 22.76 19.44 -14.80
C ILE A 82 21.57 19.84 -15.70
N ILE A 83 20.36 20.03 -15.11
CA ILE A 83 19.17 20.45 -15.87
C ILE A 83 19.40 21.86 -16.45
N ARG A 84 19.82 22.82 -15.60
CA ARG A 84 20.07 24.21 -16.00
C ARG A 84 21.13 24.30 -17.11
N ALA A 85 22.13 23.38 -17.13
CA ALA A 85 23.16 23.33 -18.17
C ALA A 85 22.60 22.88 -19.55
N GLY A 86 21.31 22.49 -19.58
CA GLY A 86 20.63 22.04 -20.80
C GLY A 86 21.08 20.68 -21.28
N LEU A 87 21.54 19.81 -20.36
CA LEU A 87 22.09 18.49 -20.73
C LEU A 87 21.04 17.39 -21.01
N ILE A 88 19.77 17.52 -20.52
CA ILE A 88 18.76 16.49 -20.73
C ILE A 88 18.53 16.19 -22.23
N PRO A 89 18.32 17.19 -23.15
CA PRO A 89 18.11 16.82 -24.57
C PRO A 89 19.27 16.05 -25.19
N LYS A 90 20.51 16.32 -24.73
CA LYS A 90 21.72 15.65 -25.21
C LYS A 90 21.73 14.18 -24.74
N PHE A 91 21.45 13.92 -23.44
CA PHE A 91 21.36 12.56 -22.90
C PHE A 91 20.29 11.75 -23.63
N VAL A 92 19.11 12.35 -23.88
CA VAL A 92 18.01 11.70 -24.59
C VAL A 92 18.47 11.31 -26.03
N SER A 93 19.21 12.19 -26.74
CA SER A 93 19.70 11.83 -28.08
C SER A 93 20.72 10.67 -28.01
N PHE A 94 21.50 10.60 -26.93
CA PHE A 94 22.49 9.53 -26.72
C PHE A 94 21.81 8.16 -26.48
N LEU A 95 20.57 8.17 -26.03
CA LEU A 95 19.80 6.96 -25.84
C LEU A 95 19.58 6.25 -27.16
N GLY A 96 19.55 7.02 -28.25
CA GLY A 96 19.31 6.47 -29.56
C GLY A 96 20.56 6.02 -30.30
N LYS A 97 21.70 6.10 -29.65
CA LYS A 97 22.98 5.72 -30.26
C LYS A 97 23.27 4.23 -30.24
N THR A 98 22.57 3.48 -31.08
CA THR A 98 22.70 2.04 -31.15
C THR A 98 24.14 1.58 -31.36
N ASP A 99 24.91 2.36 -32.11
CA ASP A 99 26.29 2.01 -32.43
C ASP A 99 27.22 2.17 -31.25
N CYS A 100 26.81 2.95 -30.25
CA CYS A 100 27.63 3.15 -29.07
C CYS A 100 26.87 2.78 -27.81
N SER A 101 26.88 1.51 -27.48
CA SER A 101 26.14 1.00 -26.35
C SER A 101 26.54 1.61 -25.00
N PRO A 102 27.82 1.85 -24.75
CA PRO A 102 28.19 2.48 -23.47
C PRO A 102 27.57 3.88 -23.28
N ILE A 103 27.44 4.70 -24.34
CA ILE A 103 26.84 6.03 -24.18
C ILE A 103 25.32 5.90 -23.95
N GLN A 104 24.69 4.82 -24.48
CA GLN A 104 23.27 4.56 -24.23
C GLN A 104 23.07 4.27 -22.75
N PHE A 105 23.96 3.44 -22.18
CA PHE A 105 23.92 3.03 -20.77
C PHE A 105 24.22 4.21 -19.84
N GLU A 106 25.29 4.98 -20.12
CA GLU A 106 25.69 6.12 -19.29
C GLU A 106 24.60 7.22 -19.26
N SER A 107 23.99 7.51 -20.41
CA SER A 107 22.94 8.52 -20.50
C SER A 107 21.65 8.00 -19.87
N ALA A 108 21.36 6.67 -19.99
CA ALA A 108 20.18 6.06 -19.35
C ALA A 108 20.28 6.16 -17.84
N TRP A 109 21.49 5.90 -17.28
CA TRP A 109 21.77 5.94 -15.85
C TRP A 109 21.66 7.40 -15.36
N ALA A 110 22.26 8.35 -16.09
CA ALA A 110 22.21 9.78 -15.77
C ALA A 110 20.75 10.28 -15.70
N LEU A 111 19.95 9.94 -16.72
CA LEU A 111 18.55 10.33 -16.80
C LEU A 111 17.71 9.64 -15.70
N THR A 112 18.03 8.39 -15.36
CA THR A 112 17.33 7.66 -14.29
C THR A 112 17.50 8.41 -12.96
N ASN A 113 18.70 8.91 -12.68
CA ASN A 113 18.97 9.63 -11.43
C ASN A 113 18.31 10.99 -11.42
N ILE A 114 18.17 11.67 -12.56
CA ILE A 114 17.45 12.94 -12.63
C ILE A 114 15.94 12.64 -12.40
N ALA A 115 15.38 11.62 -13.10
CA ALA A 115 13.95 11.22 -13.00
C ALA A 115 13.58 10.73 -11.59
N SER A 116 14.57 10.30 -10.79
CA SER A 116 14.38 9.83 -9.42
C SER A 116 14.14 10.98 -8.42
N GLY A 117 14.39 12.23 -8.84
CA GLY A 117 14.25 13.40 -7.99
C GLY A 117 12.84 13.89 -7.76
N THR A 118 12.66 15.21 -7.77
CA THR A 118 11.35 15.84 -7.55
C THR A 118 10.48 15.73 -8.80
N SER A 119 9.19 16.07 -8.69
CA SER A 119 8.24 16.06 -9.81
C SER A 119 8.72 16.98 -10.94
N GLU A 120 9.29 18.14 -10.58
CA GLU A 120 9.83 19.11 -11.55
C GLU A 120 11.05 18.48 -12.28
N GLN A 121 11.87 17.70 -11.57
CA GLN A 121 13.06 17.02 -12.10
C GLN A 121 12.65 15.84 -13.02
N THR A 122 11.59 15.08 -12.64
CA THR A 122 11.05 14.01 -13.50
C THR A 122 10.42 14.63 -14.75
N LYS A 123 9.70 15.76 -14.59
CA LYS A 123 9.06 16.49 -15.70
C LYS A 123 10.11 16.92 -16.74
N ALA A 124 11.26 17.45 -16.27
CA ALA A 124 12.36 17.88 -17.17
C ALA A 124 12.84 16.68 -18.06
N VAL A 125 12.90 15.45 -17.48
CA VAL A 125 13.28 14.21 -18.20
C VAL A 125 12.18 13.90 -19.26
N VAL A 126 10.90 13.89 -18.84
CA VAL A 126 9.76 13.65 -19.74
C VAL A 126 9.72 14.73 -20.85
N ASP A 127 9.90 16.02 -20.49
CA ASP A 127 9.90 17.13 -21.45
C ASP A 127 11.01 16.98 -22.48
N GLY A 128 12.10 16.29 -22.14
CA GLY A 128 13.21 16.02 -23.04
C GLY A 128 12.91 14.97 -24.10
N GLY A 129 11.75 14.30 -24.01
CA GLY A 129 11.33 13.25 -24.94
C GLY A 129 11.86 11.88 -24.54
N ALA A 130 12.23 11.72 -23.26
CA ALA A 130 12.82 10.48 -22.74
C ALA A 130 11.89 9.25 -22.78
N ILE A 131 10.56 9.41 -22.62
CA ILE A 131 9.65 8.25 -22.55
C ILE A 131 9.77 7.33 -23.81
N PRO A 132 9.51 7.78 -25.07
CA PRO A 132 9.65 6.85 -26.21
C PRO A 132 11.08 6.31 -26.39
N ALA A 133 12.10 7.14 -26.07
CA ALA A 133 13.50 6.74 -26.18
C ALA A 133 13.81 5.60 -25.19
N PHE A 134 13.25 5.64 -23.96
CA PHE A 134 13.45 4.56 -22.99
C PHE A 134 12.68 3.31 -23.39
N ILE A 135 11.46 3.48 -23.94
CA ILE A 135 10.63 2.36 -24.39
C ILE A 135 11.36 1.62 -25.53
N SER A 136 12.01 2.36 -26.46
CA SER A 136 12.79 1.74 -27.54
C SER A 136 13.98 0.93 -26.99
N LEU A 137 14.54 1.36 -25.84
CA LEU A 137 15.66 0.68 -25.21
C LEU A 137 15.25 -0.60 -24.47
N LEU A 138 13.94 -0.85 -24.27
CA LEU A 138 13.50 -2.07 -23.58
C LEU A 138 13.88 -3.33 -24.38
N ALA A 139 13.87 -3.24 -25.73
CA ALA A 139 14.20 -4.35 -26.64
C ALA A 139 15.72 -4.44 -26.95
N SER A 140 16.57 -3.69 -26.21
CA SER A 140 18.03 -3.69 -26.38
C SER A 140 18.65 -5.09 -26.15
N PRO A 141 19.65 -5.51 -26.96
CA PRO A 141 20.27 -6.83 -26.73
C PRO A 141 21.17 -6.85 -25.49
N HIS A 142 21.49 -5.65 -24.93
CA HIS A 142 22.33 -5.52 -23.75
C HIS A 142 21.43 -5.47 -22.53
N ALA A 143 21.47 -6.53 -21.70
CA ALA A 143 20.63 -6.66 -20.52
C ALA A 143 20.77 -5.47 -19.55
N HIS A 144 22.01 -4.96 -19.35
CA HIS A 144 22.23 -3.84 -18.43
C HIS A 144 21.59 -2.53 -18.95
N ILE A 145 21.43 -2.40 -20.28
CA ILE A 145 20.81 -1.22 -20.89
C ILE A 145 19.27 -1.33 -20.74
N SER A 146 18.72 -2.52 -21.05
CA SER A 146 17.30 -2.83 -20.95
C SER A 146 16.82 -2.56 -19.52
N GLU A 147 17.58 -3.06 -18.51
CA GLU A 147 17.30 -2.89 -17.09
C GLU A 147 17.28 -1.40 -16.72
N GLN A 148 18.23 -0.61 -17.25
CA GLN A 148 18.30 0.82 -16.96
C GLN A 148 17.04 1.54 -17.49
N ALA A 149 16.56 1.15 -18.68
CA ALA A 149 15.34 1.67 -19.31
C ALA A 149 14.11 1.30 -18.45
N VAL A 150 14.07 0.04 -17.92
CA VAL A 150 13.01 -0.41 -17.02
C VAL A 150 12.99 0.50 -15.76
N TRP A 151 14.16 0.71 -15.14
CA TRP A 151 14.34 1.55 -13.95
C TRP A 151 13.86 2.98 -14.18
N ALA A 152 14.31 3.60 -15.29
CA ALA A 152 13.95 4.97 -15.65
C ALA A 152 12.44 5.15 -15.81
N LEU A 153 11.77 4.18 -16.48
CA LEU A 153 10.31 4.23 -16.71
C LEU A 153 9.55 4.03 -15.40
N GLY A 154 10.11 3.27 -14.46
CA GLY A 154 9.54 3.07 -13.12
C GLY A 154 9.50 4.37 -12.35
N ASN A 155 10.60 5.15 -12.42
CA ASN A 155 10.72 6.48 -11.79
C ASN A 155 9.73 7.49 -12.40
N ILE A 156 9.62 7.49 -13.76
CA ILE A 156 8.71 8.37 -14.50
C ILE A 156 7.25 8.03 -14.12
N ALA A 157 6.85 6.75 -14.25
CA ALA A 157 5.51 6.30 -13.89
C ALA A 157 5.18 6.55 -12.42
N GLY A 158 6.19 6.35 -11.55
CA GLY A 158 6.08 6.55 -10.11
C GLY A 158 5.81 7.97 -9.66
N ASP A 159 5.98 8.96 -10.55
CA ASP A 159 5.71 10.37 -10.23
C ASP A 159 4.22 10.63 -9.89
N GLY A 160 3.34 9.97 -10.60
CA GLY A 160 1.90 10.17 -10.40
C GLY A 160 1.10 9.61 -11.55
N SER A 161 -0.22 9.76 -11.44
CA SER A 161 -1.23 9.27 -12.39
C SER A 161 -1.01 9.71 -13.82
N ALA A 162 -0.70 11.01 -14.04
CA ALA A 162 -0.55 11.59 -15.39
C ALA A 162 0.69 11.01 -16.11
N PHE A 163 1.85 10.97 -15.43
CA PHE A 163 3.05 10.39 -16.06
C PHE A 163 2.92 8.87 -16.21
N ARG A 164 2.22 8.19 -15.26
CA ARG A 164 1.96 6.75 -15.34
C ARG A 164 1.16 6.45 -16.60
N ASP A 165 0.09 7.24 -16.83
CA ASP A 165 -0.79 7.07 -17.97
C ASP A 165 -0.11 7.47 -19.26
N LEU A 166 0.84 8.42 -19.21
CA LEU A 166 1.61 8.83 -20.39
C LEU A 166 2.58 7.72 -20.80
N VAL A 167 3.24 7.08 -19.83
CA VAL A 167 4.13 5.94 -20.07
C VAL A 167 3.33 4.80 -20.76
N ILE A 168 2.08 4.57 -20.31
CA ILE A 168 1.17 3.56 -20.84
C ILE A 168 0.77 3.94 -22.29
N LYS A 169 0.39 5.22 -22.54
CA LYS A 169 -0.01 5.67 -23.88
C LYS A 169 1.13 5.50 -24.90
N HIS A 170 2.40 5.65 -24.44
CA HIS A 170 3.57 5.48 -25.32
C HIS A 170 3.87 3.98 -25.61
N GLY A 171 3.08 3.08 -25.04
CA GLY A 171 3.16 1.64 -25.25
C GLY A 171 4.21 0.89 -24.47
N ALA A 172 4.46 1.25 -23.20
CA ALA A 172 5.47 0.59 -22.40
C ALA A 172 5.09 -0.82 -21.94
N ILE A 173 3.81 -1.10 -21.72
CA ILE A 173 3.36 -2.39 -21.15
C ILE A 173 3.78 -3.62 -22.01
N ASP A 174 3.49 -3.64 -23.34
CA ASP A 174 3.84 -4.79 -24.20
C ASP A 174 5.35 -5.13 -24.12
N PRO A 175 6.31 -4.20 -24.40
CA PRO A 175 7.73 -4.58 -24.27
C PRO A 175 8.15 -4.89 -22.82
N LEU A 176 7.49 -4.29 -21.80
CA LEU A 176 7.85 -4.64 -20.41
C LEU A 176 7.45 -6.09 -20.11
N LEU A 177 6.23 -6.49 -20.52
CA LEU A 177 5.73 -7.84 -20.25
C LEU A 177 6.50 -8.90 -21.04
N ALA A 178 6.97 -8.56 -22.26
CA ALA A 178 7.77 -9.43 -23.14
C ALA A 178 9.06 -9.86 -22.46
N LEU A 179 9.66 -8.98 -21.62
CA LEU A 179 10.89 -9.28 -20.88
C LEU A 179 10.66 -10.35 -19.81
N LEU A 180 9.38 -10.57 -19.44
CA LEU A 180 9.01 -11.56 -18.42
C LEU A 180 8.33 -12.78 -19.06
N ALA A 181 8.26 -12.82 -20.41
CA ALA A 181 7.64 -13.94 -21.14
C ALA A 181 8.66 -15.07 -21.33
N VAL A 182 9.00 -15.71 -20.20
CA VAL A 182 9.94 -16.82 -20.09
C VAL A 182 9.22 -18.01 -19.40
N PRO A 183 9.57 -19.28 -19.69
CA PRO A 183 8.89 -20.41 -19.02
C PRO A 183 9.07 -20.43 -17.50
N ASP A 184 10.25 -20.01 -17.00
CA ASP A 184 10.55 -20.00 -15.56
C ASP A 184 11.28 -18.70 -15.20
N LEU A 185 10.68 -17.92 -14.27
CA LEU A 185 11.20 -16.62 -13.78
C LEU A 185 12.59 -16.74 -13.13
N SER A 186 12.91 -17.94 -12.57
CA SER A 186 14.18 -18.26 -11.92
C SER A 186 15.39 -18.18 -12.88
N THR A 187 15.18 -18.23 -14.21
CA THR A 187 16.28 -18.13 -15.19
C THR A 187 16.77 -16.68 -15.36
N LEU A 188 15.91 -15.69 -15.02
CA LEU A 188 16.27 -14.27 -15.15
C LEU A 188 17.18 -13.83 -14.02
N ALA A 189 18.04 -12.82 -14.27
CA ALA A 189 18.90 -12.23 -13.24
C ALA A 189 18.02 -11.61 -12.15
N CYS A 190 18.40 -11.82 -10.90
CA CYS A 190 17.69 -11.40 -9.71
C CYS A 190 17.39 -9.88 -9.67
N GLY A 191 18.43 -9.06 -9.85
CA GLY A 191 18.30 -7.60 -9.85
C GLY A 191 17.39 -7.11 -10.96
N TYR A 192 17.51 -7.74 -12.13
CA TYR A 192 16.73 -7.49 -13.35
C TYR A 192 15.23 -7.74 -13.10
N LEU A 193 14.90 -8.91 -12.51
CA LEU A 193 13.52 -9.31 -12.18
C LEU A 193 12.90 -8.38 -11.13
N ARG A 194 13.68 -8.00 -10.10
CA ARG A 194 13.25 -7.08 -9.05
C ARG A 194 12.92 -5.70 -9.61
N ASN A 195 13.72 -5.23 -10.59
CA ASN A 195 13.49 -3.95 -11.25
C ASN A 195 12.23 -3.98 -12.10
N LEU A 196 11.98 -5.09 -12.83
CA LEU A 196 10.78 -5.26 -13.65
C LEU A 196 9.53 -5.28 -12.79
N THR A 197 9.57 -6.01 -11.64
CA THR A 197 8.44 -6.10 -10.71
C THR A 197 8.10 -4.71 -10.14
N TRP A 198 9.13 -3.99 -9.67
CA TRP A 198 8.98 -2.65 -9.11
C TRP A 198 8.37 -1.67 -10.14
N THR A 199 8.87 -1.67 -11.39
CA THR A 199 8.34 -0.77 -12.43
C THR A 199 6.86 -1.13 -12.74
N LEU A 200 6.53 -2.44 -12.84
CA LEU A 200 5.14 -2.86 -13.05
C LEU A 200 4.25 -2.41 -11.88
N SER A 201 4.78 -2.43 -10.63
CA SER A 201 4.01 -1.97 -9.45
C SER A 201 3.70 -0.46 -9.53
N ASN A 202 4.60 0.34 -10.13
CA ASN A 202 4.37 1.77 -10.31
C ASN A 202 3.31 2.04 -11.39
N LEU A 203 3.17 1.13 -12.38
CA LEU A 203 2.12 1.24 -13.39
C LEU A 203 0.75 0.86 -12.79
N CYS A 204 0.76 0.21 -11.65
CA CYS A 204 -0.46 -0.15 -10.94
C CYS A 204 -0.80 0.87 -9.88
N ARG A 205 0.16 1.73 -9.56
CA ARG A 205 0.05 2.67 -8.47
C ARG A 205 -0.73 3.94 -8.78
N ASN A 206 -1.25 4.56 -7.72
CA ASN A 206 -1.91 5.86 -7.77
C ASN A 206 -3.38 5.87 -8.20
N LYS A 207 -4.07 6.91 -7.76
CA LYS A 207 -5.51 7.04 -7.96
C LYS A 207 -5.87 8.39 -8.53
N ASN A 208 -7.16 8.60 -8.73
CA ASN A 208 -7.64 9.87 -9.27
C ASN A 208 -6.85 10.35 -10.47
N PRO A 209 -6.93 9.65 -11.59
CA PRO A 209 -7.67 8.39 -11.73
C PRO A 209 -6.81 7.16 -11.41
N ALA A 210 -7.47 6.01 -11.25
CA ALA A 210 -6.82 4.71 -11.08
C ALA A 210 -6.23 4.31 -12.46
N PRO A 211 -5.30 3.33 -12.57
CA PRO A 211 -4.75 3.00 -13.92
C PRO A 211 -5.84 2.57 -14.91
N PRO A 212 -5.63 2.71 -16.24
CA PRO A 212 -6.69 2.30 -17.20
C PRO A 212 -7.04 0.82 -17.02
N LEU A 213 -8.35 0.49 -17.05
CA LEU A 213 -8.87 -0.88 -16.84
C LEU A 213 -8.18 -1.88 -17.76
N ASP A 214 -8.00 -1.54 -19.04
CA ASP A 214 -7.37 -2.43 -20.02
C ASP A 214 -5.89 -2.67 -19.70
N ALA A 215 -5.19 -1.65 -19.15
CA ALA A 215 -3.79 -1.76 -18.74
C ALA A 215 -3.67 -2.74 -17.55
N VAL A 216 -4.62 -2.64 -16.61
CA VAL A 216 -4.69 -3.50 -15.42
C VAL A 216 -4.94 -4.96 -15.88
N GLU A 217 -5.89 -5.19 -16.82
CA GLU A 217 -6.15 -6.54 -17.32
C GLU A 217 -4.96 -7.13 -18.05
N GLN A 218 -4.18 -6.29 -18.73
CA GLN A 218 -2.98 -6.71 -19.46
C GLN A 218 -1.86 -7.15 -18.52
N ILE A 219 -1.65 -6.40 -17.42
CA ILE A 219 -0.58 -6.64 -16.45
C ILE A 219 -0.90 -7.81 -15.49
N LEU A 220 -2.17 -7.95 -15.04
CA LEU A 220 -2.59 -8.91 -14.01
C LEU A 220 -2.05 -10.36 -14.20
N PRO A 221 -2.10 -11.05 -15.37
CA PRO A 221 -1.55 -12.42 -15.43
C PRO A 221 -0.06 -12.50 -15.09
N THR A 222 0.75 -11.45 -15.42
CA THR A 222 2.18 -11.44 -15.13
C THR A 222 2.35 -11.17 -13.63
N LEU A 223 1.53 -10.27 -13.08
CA LEU A 223 1.53 -9.97 -11.64
C LEU A 223 1.22 -11.21 -10.80
N VAL A 224 0.17 -12.00 -11.19
CA VAL A 224 -0.21 -13.25 -10.49
C VAL A 224 1.02 -14.21 -10.49
N ARG A 225 1.74 -14.27 -11.62
CA ARG A 225 2.93 -15.10 -11.76
C ARG A 225 4.08 -14.64 -10.84
N LEU A 226 4.30 -13.31 -10.73
CA LEU A 226 5.35 -12.75 -9.86
C LEU A 226 5.00 -12.95 -8.37
N LEU A 227 3.70 -13.00 -8.05
CA LEU A 227 3.18 -13.22 -6.70
C LEU A 227 3.45 -14.66 -6.22
N HIS A 228 3.84 -15.58 -7.14
CA HIS A 228 4.17 -16.96 -6.78
C HIS A 228 5.69 -17.20 -6.88
N HIS A 229 6.48 -16.15 -7.19
CA HIS A 229 7.93 -16.26 -7.30
C HIS A 229 8.56 -16.40 -5.90
N ASN A 230 9.76 -16.97 -5.79
CA ASN A 230 10.38 -17.26 -4.49
C ASN A 230 11.22 -16.08 -3.91
N ASP A 231 11.48 -15.01 -4.66
CA ASP A 231 12.30 -13.91 -4.15
C ASP A 231 11.50 -12.96 -3.20
N PRO A 232 12.01 -12.69 -1.97
CA PRO A 232 11.27 -11.81 -1.04
C PRO A 232 10.98 -10.40 -1.55
N GLU A 233 11.90 -9.82 -2.32
CA GLU A 233 11.72 -8.47 -2.86
C GLU A 233 10.70 -8.45 -3.99
N VAL A 234 10.66 -9.50 -4.82
CA VAL A 234 9.69 -9.64 -5.91
C VAL A 234 8.29 -9.80 -5.28
N LEU A 235 8.18 -10.67 -4.25
CA LEU A 235 6.95 -10.92 -3.49
C LEU A 235 6.44 -9.63 -2.84
N ALA A 236 7.32 -8.85 -2.19
CA ALA A 236 6.94 -7.59 -1.55
C ALA A 236 6.31 -6.61 -2.57
N ASP A 237 7.02 -6.37 -3.70
CA ASP A 237 6.57 -5.42 -4.73
C ASP A 237 5.32 -5.91 -5.48
N SER A 238 5.17 -7.24 -5.66
CA SER A 238 3.97 -7.86 -6.27
C SER A 238 2.78 -7.62 -5.37
N CYS A 239 2.97 -7.77 -4.04
CA CYS A 239 1.95 -7.52 -3.02
C CYS A 239 1.57 -6.05 -3.01
N TRP A 240 2.58 -5.15 -3.13
CA TRP A 240 2.32 -3.72 -3.19
C TRP A 240 1.45 -3.40 -4.41
N ALA A 241 1.78 -3.98 -5.59
CA ALA A 241 1.01 -3.78 -6.82
C ALA A 241 -0.46 -4.23 -6.64
N ILE A 242 -0.67 -5.40 -6.01
CA ILE A 242 -1.99 -5.97 -5.72
C ILE A 242 -2.73 -5.06 -4.72
N SER A 243 -2.00 -4.51 -3.74
CA SER A 243 -2.61 -3.60 -2.77
C SER A 243 -3.08 -2.29 -3.47
N TYR A 244 -2.36 -1.81 -4.48
CA TYR A 244 -2.80 -0.61 -5.19
C TYR A 244 -4.05 -0.91 -6.02
N LEU A 245 -4.07 -2.08 -6.69
CA LEU A 245 -5.17 -2.48 -7.57
C LEU A 245 -6.46 -2.76 -6.80
N THR A 246 -6.35 -3.16 -5.52
CA THR A 246 -7.50 -3.46 -4.68
C THR A 246 -7.95 -2.23 -3.90
N ASP A 247 -7.18 -1.13 -4.00
CA ASP A 247 -7.52 0.13 -3.35
C ASP A 247 -8.43 0.95 -4.29
N GLY A 248 -9.72 0.63 -4.28
CA GLY A 248 -10.69 1.32 -5.13
C GLY A 248 -12.09 0.73 -5.06
N PRO A 249 -12.96 0.99 -6.08
CA PRO A 249 -14.33 0.42 -6.05
C PRO A 249 -14.34 -1.10 -6.18
N ASN A 250 -15.47 -1.73 -5.82
CA ASN A 250 -15.65 -3.19 -5.82
C ASN A 250 -15.33 -3.84 -7.16
N GLU A 251 -15.54 -3.12 -8.27
CA GLU A 251 -15.24 -3.55 -9.64
C GLU A 251 -13.74 -3.78 -9.80
N ARG A 252 -12.92 -2.87 -9.22
CA ARG A 252 -11.44 -2.98 -9.24
C ARG A 252 -11.00 -4.20 -8.41
N ILE A 253 -11.61 -4.38 -7.23
CA ILE A 253 -11.33 -5.53 -6.33
C ILE A 253 -11.69 -6.84 -7.05
N GLU A 254 -12.85 -6.86 -7.75
CA GLU A 254 -13.35 -8.02 -8.48
C GLU A 254 -12.35 -8.54 -9.50
N MET A 255 -11.74 -7.61 -10.29
CA MET A 255 -10.71 -7.92 -11.28
C MET A 255 -9.57 -8.74 -10.70
N VAL A 256 -9.15 -8.39 -9.46
CA VAL A 256 -8.05 -9.04 -8.76
C VAL A 256 -8.53 -10.38 -8.18
N VAL A 257 -9.63 -10.38 -7.41
CA VAL A 257 -10.18 -11.57 -6.75
C VAL A 257 -10.48 -12.69 -7.79
N LYS A 258 -10.99 -12.33 -8.99
CA LYS A 258 -11.31 -13.30 -10.06
C LYS A 258 -10.07 -14.03 -10.58
N LYS A 259 -8.86 -13.45 -10.40
CA LYS A 259 -7.62 -14.09 -10.83
C LYS A 259 -7.14 -15.18 -9.84
N GLY A 260 -7.89 -15.36 -8.75
CA GLY A 260 -7.63 -16.38 -7.73
C GLY A 260 -6.37 -16.18 -6.91
N VAL A 261 -6.02 -14.90 -6.61
CA VAL A 261 -4.80 -14.54 -5.85
C VAL A 261 -4.98 -14.57 -4.32
N VAL A 262 -6.23 -14.50 -3.82
CA VAL A 262 -6.55 -14.43 -2.38
C VAL A 262 -5.82 -15.57 -1.59
N PRO A 263 -5.86 -16.87 -1.99
CA PRO A 263 -5.09 -17.90 -1.23
C PRO A 263 -3.58 -17.62 -1.18
N GLN A 264 -2.99 -17.07 -2.26
CA GLN A 264 -1.57 -16.72 -2.26
C GLN A 264 -1.33 -15.53 -1.33
N LEU A 265 -2.26 -14.55 -1.30
CA LEU A 265 -2.15 -13.39 -0.42
C LEU A 265 -2.19 -13.78 1.07
N VAL A 266 -3.06 -14.75 1.41
CA VAL A 266 -3.22 -15.30 2.76
C VAL A 266 -1.94 -16.04 3.15
N LYS A 267 -1.34 -16.80 2.23
CA LYS A 267 -0.07 -17.50 2.49
C LYS A 267 1.04 -16.47 2.81
N LEU A 268 1.11 -15.37 2.02
CA LEU A 268 2.11 -14.31 2.20
C LEU A 268 1.83 -13.51 3.46
N LEU A 269 0.56 -13.52 3.91
CA LEU A 269 0.15 -12.89 5.15
C LEU A 269 0.86 -13.57 6.36
N GLY A 270 1.20 -14.85 6.18
CA GLY A 270 1.90 -15.66 7.16
C GLY A 270 3.43 -15.64 7.07
N ALA A 271 4.01 -14.93 6.06
CA ALA A 271 5.48 -14.83 5.85
C ALA A 271 6.22 -14.26 7.08
N THR A 272 7.53 -14.55 7.19
CA THR A 272 8.33 -14.06 8.32
C THR A 272 8.83 -12.65 8.02
N GLU A 273 8.97 -12.29 6.73
CA GLU A 273 9.47 -10.98 6.30
C GLU A 273 8.38 -9.90 6.42
N LEU A 274 8.63 -8.89 7.29
CA LEU A 274 7.76 -7.73 7.48
C LEU A 274 7.54 -6.97 6.14
N PRO A 275 8.55 -6.82 5.22
CA PRO A 275 8.27 -6.15 3.92
C PRO A 275 7.28 -6.93 3.03
N ILE A 276 6.98 -8.21 3.35
CA ILE A 276 6.01 -9.02 2.61
C ILE A 276 4.64 -8.91 3.30
N VAL A 277 4.61 -9.10 4.64
CA VAL A 277 3.40 -9.06 5.45
C VAL A 277 2.69 -7.70 5.31
N THR A 278 3.43 -6.57 5.37
CA THR A 278 2.84 -5.23 5.28
C THR A 278 1.94 -5.07 4.00
N PRO A 279 2.45 -5.24 2.74
CA PRO A 279 1.55 -5.07 1.58
C PRO A 279 0.53 -6.19 1.43
N ALA A 280 0.85 -7.43 1.90
CA ALA A 280 -0.12 -8.55 1.85
C ALA A 280 -1.32 -8.23 2.74
N LEU A 281 -1.09 -7.67 3.94
CA LEU A 281 -2.18 -7.29 4.86
C LEU A 281 -2.97 -6.10 4.29
N ARG A 282 -2.26 -5.15 3.65
CA ARG A 282 -2.91 -4.00 3.03
C ARG A 282 -3.86 -4.46 1.92
N ALA A 283 -3.42 -5.42 1.06
CA ALA A 283 -4.24 -5.96 -0.04
C ALA A 283 -5.47 -6.69 0.53
N ILE A 284 -5.27 -7.56 1.55
CA ILE A 284 -6.37 -8.29 2.20
C ILE A 284 -7.36 -7.30 2.84
N GLY A 285 -6.83 -6.27 3.50
CA GLY A 285 -7.64 -5.23 4.14
C GLY A 285 -8.47 -4.49 3.12
N ASN A 286 -7.88 -4.23 1.92
CA ASN A 286 -8.58 -3.55 0.84
C ASN A 286 -9.70 -4.44 0.26
N ILE A 287 -9.44 -5.75 0.08
CA ILE A 287 -10.43 -6.70 -0.47
C ILE A 287 -11.68 -6.78 0.44
N VAL A 288 -11.48 -6.75 1.80
CA VAL A 288 -12.62 -6.86 2.74
C VAL A 288 -13.42 -5.53 2.82
N THR A 289 -12.97 -4.45 2.14
CA THR A 289 -13.78 -3.22 2.05
C THR A 289 -14.82 -3.41 0.89
N GLY A 290 -14.66 -4.49 0.15
CA GLY A 290 -15.53 -4.85 -0.97
C GLY A 290 -16.88 -5.41 -0.56
N THR A 291 -17.39 -6.36 -1.35
CA THR A 291 -18.68 -7.00 -1.07
C THR A 291 -18.48 -8.10 -0.04
N ASP A 292 -19.59 -8.57 0.56
CA ASP A 292 -19.57 -9.67 1.54
C ASP A 292 -19.11 -10.94 0.85
N GLU A 293 -19.35 -11.05 -0.49
CA GLU A 293 -18.92 -12.20 -1.29
C GLU A 293 -17.39 -12.17 -1.49
N GLN A 294 -16.83 -10.96 -1.67
CA GLN A 294 -15.38 -10.75 -1.82
C GLN A 294 -14.69 -11.02 -0.47
N THR A 295 -15.29 -10.55 0.65
CA THR A 295 -14.81 -10.81 2.03
C THR A 295 -14.81 -12.32 2.30
N GLN A 296 -15.88 -13.03 1.85
CA GLN A 296 -16.02 -14.46 2.03
C GLN A 296 -14.84 -15.23 1.45
N LYS A 297 -14.30 -14.76 0.30
CA LYS A 297 -13.14 -15.38 -0.35
C LYS A 297 -11.89 -15.31 0.57
N VAL A 298 -11.73 -14.22 1.30
CA VAL A 298 -10.62 -14.09 2.24
C VAL A 298 -10.77 -15.09 3.39
N ILE A 299 -11.99 -15.19 3.91
CA ILE A 299 -12.32 -16.11 5.01
C ILE A 299 -12.10 -17.57 4.55
N ASP A 300 -12.65 -17.95 3.37
CA ASP A 300 -12.52 -19.29 2.78
C ASP A 300 -11.06 -19.69 2.58
N ALA A 301 -10.18 -18.72 2.25
CA ALA A 301 -8.75 -18.95 2.04
C ALA A 301 -7.98 -19.20 3.36
N GLY A 302 -8.64 -19.00 4.51
CA GLY A 302 -8.05 -19.24 5.83
C GLY A 302 -7.37 -18.05 6.49
N ALA A 303 -7.74 -16.81 6.10
CA ALA A 303 -7.12 -15.59 6.63
C ALA A 303 -7.29 -15.38 8.13
N LEU A 304 -8.46 -15.71 8.71
CA LEU A 304 -8.72 -15.49 10.14
C LEU A 304 -7.77 -16.28 11.07
N ALA A 305 -7.20 -17.40 10.60
CA ALA A 305 -6.27 -18.22 11.39
C ALA A 305 -4.94 -17.49 11.66
N VAL A 306 -4.63 -16.45 10.87
CA VAL A 306 -3.40 -15.64 10.98
C VAL A 306 -3.61 -14.47 11.95
N PHE A 307 -4.87 -14.05 12.21
CA PHE A 307 -5.16 -12.86 13.03
C PHE A 307 -4.75 -12.96 14.51
N PRO A 308 -4.69 -14.12 15.22
CA PRO A 308 -4.13 -14.10 16.60
C PRO A 308 -2.71 -13.49 16.63
N SER A 309 -1.86 -13.82 15.63
CA SER A 309 -0.50 -13.27 15.51
C SER A 309 -0.50 -11.81 15.05
N LEU A 310 -1.31 -11.48 14.04
CA LEU A 310 -1.39 -10.12 13.49
C LEU A 310 -1.93 -9.12 14.51
N LEU A 311 -2.93 -9.52 15.31
CA LEU A 311 -3.53 -8.66 16.33
C LEU A 311 -2.64 -8.49 17.57
N THR A 312 -1.54 -9.27 17.69
CA THR A 312 -0.57 -9.13 18.78
C THR A 312 0.84 -8.83 18.22
N ASN A 313 0.93 -8.52 16.91
CA ASN A 313 2.21 -8.26 16.25
C ASN A 313 2.97 -7.08 16.90
N PRO A 314 4.30 -7.22 17.17
CA PRO A 314 5.02 -6.13 17.84
C PRO A 314 5.13 -4.84 17.02
N LYS A 315 4.97 -4.90 15.68
CA LYS A 315 4.98 -3.72 14.81
C LYS A 315 3.58 -3.09 14.89
N THR A 316 3.47 -1.86 15.43
CA THR A 316 2.17 -1.20 15.64
C THR A 316 1.36 -1.04 14.34
N ASN A 317 2.02 -0.77 13.20
CA ASN A 317 1.32 -0.62 11.92
C ASN A 317 0.64 -1.94 11.46
N ILE A 318 1.24 -3.10 11.76
CA ILE A 318 0.63 -4.41 11.43
C ILE A 318 -0.61 -4.60 12.31
N GLN A 319 -0.49 -4.31 13.61
CA GLN A 319 -1.61 -4.41 14.55
C GLN A 319 -2.76 -3.50 14.14
N LYS A 320 -2.44 -2.26 13.73
CA LYS A 320 -3.43 -1.27 13.33
C LYS A 320 -4.19 -1.73 12.07
N GLU A 321 -3.45 -2.17 11.03
CA GLU A 321 -4.03 -2.63 9.76
C GLU A 321 -4.77 -3.96 9.92
N ALA A 322 -4.33 -4.82 10.86
CA ALA A 322 -5.03 -6.07 11.15
C ALA A 322 -6.38 -5.77 11.82
N THR A 323 -6.41 -4.78 12.72
CA THR A 323 -7.62 -4.41 13.45
C THR A 323 -8.61 -3.70 12.49
N TRP A 324 -8.08 -2.87 11.57
CA TRP A 324 -8.85 -2.21 10.52
C TRP A 324 -9.50 -3.29 9.64
N THR A 325 -8.72 -4.34 9.26
CA THR A 325 -9.21 -5.47 8.46
C THR A 325 -10.36 -6.17 9.23
N MET A 326 -10.16 -6.43 10.53
CA MET A 326 -11.17 -7.04 11.41
C MET A 326 -12.45 -6.21 11.44
N SER A 327 -12.33 -4.87 11.51
CA SER A 327 -13.48 -3.95 11.51
C SER A 327 -14.34 -4.11 10.26
N ASN A 328 -13.71 -4.37 9.09
CA ASN A 328 -14.45 -4.53 7.84
C ASN A 328 -14.95 -5.96 7.63
N ILE A 329 -14.54 -6.92 8.48
CA ILE A 329 -15.07 -8.26 8.44
C ILE A 329 -16.29 -8.30 9.41
N THR A 330 -16.21 -7.57 10.54
CA THR A 330 -17.32 -7.53 11.52
C THR A 330 -18.49 -6.68 10.99
N ALA A 331 -18.26 -5.90 9.91
CA ALA A 331 -19.28 -5.09 9.24
C ALA A 331 -20.08 -5.95 8.24
N GLY A 332 -19.70 -7.22 8.07
CA GLY A 332 -20.34 -8.15 7.16
C GLY A 332 -21.55 -8.88 7.69
N ARG A 333 -21.86 -10.03 7.07
CA ARG A 333 -22.98 -10.88 7.44
C ARG A 333 -22.78 -11.51 8.83
N GLN A 334 -23.90 -11.96 9.44
CA GLN A 334 -23.91 -12.64 10.74
C GLN A 334 -23.11 -13.96 10.69
N ASP A 335 -23.13 -14.69 9.55
CA ASP A 335 -22.35 -15.92 9.43
C ASP A 335 -20.83 -15.64 9.35
N GLN A 336 -20.45 -14.42 8.92
CA GLN A 336 -19.06 -13.97 8.82
C GLN A 336 -18.59 -13.54 10.21
N ILE A 337 -19.47 -12.85 10.95
CA ILE A 337 -19.24 -12.51 12.36
C ILE A 337 -19.03 -13.84 13.13
N GLN A 338 -19.81 -14.89 12.79
CA GLN A 338 -19.73 -16.19 13.44
C GLN A 338 -18.36 -16.84 13.22
N GLN A 339 -17.77 -16.66 12.03
CA GLN A 339 -16.45 -17.23 11.72
C GLN A 339 -15.35 -16.50 12.53
N VAL A 340 -15.56 -15.20 12.83
CA VAL A 340 -14.69 -14.38 13.67
C VAL A 340 -14.72 -14.95 15.10
N VAL A 341 -15.94 -15.29 15.58
CA VAL A 341 -16.18 -15.90 16.89
C VAL A 341 -15.48 -17.27 16.95
N ASN A 342 -15.77 -18.17 15.97
CA ASN A 342 -15.23 -19.53 15.89
C ASN A 342 -13.70 -19.56 15.87
N HIS A 343 -13.07 -18.56 15.26
CA HIS A 343 -11.61 -18.48 15.18
C HIS A 343 -10.98 -17.92 16.47
N GLY A 344 -11.81 -17.69 17.50
CA GLY A 344 -11.40 -17.16 18.80
C GLY A 344 -10.83 -15.76 18.75
N LEU A 345 -11.34 -14.93 17.83
CA LEU A 345 -10.80 -13.60 17.60
C LEU A 345 -11.43 -12.52 18.46
N VAL A 346 -12.58 -12.78 19.10
CA VAL A 346 -13.21 -11.77 19.96
C VAL A 346 -12.28 -11.49 21.19
N PRO A 347 -11.67 -12.50 21.91
CA PRO A 347 -10.75 -12.15 23.01
C PRO A 347 -9.56 -11.31 22.52
N PHE A 348 -9.10 -11.52 21.26
CA PHE A 348 -8.02 -10.74 20.65
C PHE A 348 -8.47 -9.30 20.43
N LEU A 349 -9.76 -9.09 20.10
CA LEU A 349 -10.30 -7.74 19.94
C LEU A 349 -10.40 -7.04 21.30
N VAL A 350 -10.76 -7.79 22.36
CA VAL A 350 -10.83 -7.28 23.74
C VAL A 350 -9.41 -6.82 24.15
N GLY A 351 -8.40 -7.63 23.81
CA GLY A 351 -7.00 -7.36 24.07
C GLY A 351 -6.52 -6.04 23.50
N VAL A 352 -6.75 -5.82 22.20
CA VAL A 352 -6.37 -4.61 21.45
C VAL A 352 -7.12 -3.38 22.01
N LEU A 353 -8.40 -3.53 22.34
CA LEU A 353 -9.18 -2.47 22.95
C LEU A 353 -8.62 -2.11 24.36
N SER A 354 -8.14 -3.12 25.11
CA SER A 354 -7.58 -2.95 26.46
C SER A 354 -6.22 -2.24 26.43
N LYS A 355 -5.33 -2.65 25.51
CA LYS A 355 -3.99 -2.11 25.41
C LYS A 355 -3.47 -2.27 23.99
N ALA A 356 -3.12 -1.14 23.38
CA ALA A 356 -2.56 -0.98 22.04
C ALA A 356 -2.28 0.49 21.83
N ASP A 357 -1.63 0.84 20.71
CA ASP A 357 -1.46 2.23 20.32
C ASP A 357 -2.88 2.80 20.08
N PHE A 358 -3.14 4.06 20.47
CA PHE A 358 -4.47 4.68 20.34
C PHE A 358 -5.13 4.49 18.96
N LYS A 359 -4.36 4.62 17.87
CA LYS A 359 -4.88 4.45 16.50
C LYS A 359 -5.42 3.03 16.29
N THR A 360 -4.76 2.01 16.89
CA THR A 360 -5.19 0.61 16.83
C THR A 360 -6.47 0.46 17.66
N GLN A 361 -6.52 1.12 18.85
CA GLN A 361 -7.67 1.11 19.76
C GLN A 361 -8.90 1.72 19.08
N LYS A 362 -8.70 2.77 18.26
CA LYS A 362 -9.77 3.44 17.50
C LYS A 362 -10.35 2.45 16.47
N GLU A 363 -9.48 1.67 15.78
CA GLU A 363 -9.91 0.64 14.82
C GLU A 363 -10.68 -0.47 15.52
N ALA A 364 -10.26 -0.82 16.77
CA ALA A 364 -10.91 -1.87 17.57
C ALA A 364 -12.30 -1.42 18.00
N ALA A 365 -12.45 -0.13 18.38
CA ALA A 365 -13.74 0.47 18.74
C ALA A 365 -14.68 0.36 17.53
N TRP A 366 -14.17 0.64 16.30
CA TRP A 366 -14.91 0.49 15.04
C TRP A 366 -15.32 -0.95 14.81
N ALA A 367 -14.39 -1.91 15.01
CA ALA A 367 -14.67 -3.33 14.86
C ALA A 367 -15.80 -3.78 15.80
N ILE A 368 -15.82 -3.26 17.04
CA ILE A 368 -16.86 -3.59 18.04
C ILE A 368 -18.21 -2.97 17.64
N THR A 369 -18.24 -1.68 17.24
CA THR A 369 -19.48 -0.99 16.83
C THR A 369 -20.08 -1.71 15.59
N ASN A 370 -19.23 -2.20 14.65
CA ASN A 370 -19.69 -2.92 13.46
C ASN A 370 -20.25 -4.30 13.85
N TYR A 371 -19.57 -4.99 14.78
CA TYR A 371 -19.97 -6.29 15.29
C TYR A 371 -21.34 -6.16 16.01
N THR A 372 -21.51 -5.13 16.85
CA THR A 372 -22.74 -4.91 17.61
C THR A 372 -23.90 -4.47 16.71
N SER A 373 -23.60 -3.76 15.60
CA SER A 373 -24.60 -3.28 14.65
C SER A 373 -25.23 -4.41 13.83
N GLY A 374 -24.42 -5.36 13.37
CA GLY A 374 -24.92 -6.46 12.54
C GLY A 374 -25.04 -7.83 13.16
N GLY A 375 -24.58 -8.00 14.39
CA GLY A 375 -24.61 -9.30 15.03
C GLY A 375 -25.94 -9.74 15.62
N THR A 376 -26.08 -11.05 15.87
CA THR A 376 -27.24 -11.62 16.56
C THR A 376 -27.16 -11.26 18.05
N VAL A 377 -28.24 -11.46 18.82
CA VAL A 377 -28.25 -11.20 20.27
C VAL A 377 -27.21 -12.12 20.94
N GLU A 378 -27.18 -13.41 20.55
CA GLU A 378 -26.25 -14.42 21.07
C GLU A 378 -24.76 -13.99 20.84
N GLN A 379 -24.46 -13.42 19.66
CA GLN A 379 -23.12 -12.92 19.30
C GLN A 379 -22.76 -11.69 20.14
N ILE A 380 -23.73 -10.75 20.34
CA ILE A 380 -23.50 -9.56 21.16
C ILE A 380 -23.32 -9.96 22.65
N VAL A 381 -24.09 -10.95 23.13
CA VAL A 381 -24.02 -11.48 24.51
C VAL A 381 -22.60 -12.04 24.76
N TYR A 382 -22.08 -12.83 23.78
CA TYR A 382 -20.76 -13.45 23.78
C TYR A 382 -19.64 -12.40 23.96
N LEU A 383 -19.80 -11.25 23.29
CA LEU A 383 -18.89 -10.11 23.32
C LEU A 383 -18.74 -9.57 24.75
N VAL A 384 -19.87 -9.44 25.48
CA VAL A 384 -19.89 -9.00 26.87
C VAL A 384 -19.24 -10.07 27.77
N HIS A 385 -19.53 -11.36 27.53
CA HIS A 385 -18.94 -12.45 28.30
C HIS A 385 -17.41 -12.52 28.11
N CYS A 386 -16.89 -11.96 26.99
CA CYS A 386 -15.46 -11.93 26.73
C CYS A 386 -14.77 -10.76 27.40
N GLY A 387 -15.56 -9.87 27.99
CA GLY A 387 -15.06 -8.73 28.75
C GLY A 387 -14.91 -7.43 27.99
N ILE A 388 -15.75 -7.18 26.97
CA ILE A 388 -15.65 -5.96 26.17
C ILE A 388 -16.01 -4.66 26.95
N ILE A 389 -16.91 -4.73 27.95
CA ILE A 389 -17.44 -3.56 28.65
C ILE A 389 -16.36 -2.71 29.32
N GLU A 390 -15.53 -3.28 30.21
CA GLU A 390 -14.51 -2.51 30.91
C GLU A 390 -13.54 -1.79 29.92
N PRO A 391 -12.85 -2.43 28.92
CA PRO A 391 -11.97 -1.65 28.04
C PRO A 391 -12.71 -0.61 27.18
N LEU A 392 -13.97 -0.89 26.81
CA LEU A 392 -14.83 0.02 26.01
C LEU A 392 -15.11 1.29 26.81
N MET A 393 -15.39 1.13 28.13
CA MET A 393 -15.65 2.24 29.06
C MET A 393 -14.39 3.06 29.32
N ASN A 394 -13.22 2.41 29.49
CA ASN A 394 -11.95 3.10 29.75
C ASN A 394 -11.55 4.03 28.60
N LEU A 395 -11.99 3.70 27.38
CA LEU A 395 -11.69 4.49 26.19
C LEU A 395 -12.63 5.70 26.03
N LEU A 396 -13.58 5.92 26.96
CA LEU A 396 -14.46 7.09 26.92
C LEU A 396 -13.72 8.32 27.46
N SER A 397 -12.57 8.10 28.15
CA SER A 397 -11.69 9.14 28.70
C SER A 397 -10.83 9.80 27.60
N ALA A 398 -10.85 9.21 26.38
CA ALA A 398 -10.06 9.67 25.23
C ALA A 398 -10.53 11.04 24.74
N LYS A 399 -9.56 11.90 24.38
CA LYS A 399 -9.80 13.25 23.86
C LYS A 399 -9.91 13.20 22.33
N ASP A 400 -10.83 12.34 21.84
CA ASP A 400 -11.14 12.13 20.43
C ASP A 400 -12.66 11.98 20.33
N THR A 401 -13.31 12.94 19.66
CA THR A 401 -14.77 13.02 19.52
C THR A 401 -15.32 11.81 18.73
N LYS A 402 -14.63 11.39 17.66
CA LYS A 402 -15.08 10.28 16.81
C LYS A 402 -15.08 8.94 17.56
N ILE A 403 -14.05 8.63 18.38
CA ILE A 403 -14.02 7.37 19.12
C ILE A 403 -15.16 7.34 20.17
N ILE A 404 -15.43 8.48 20.84
CA ILE A 404 -16.50 8.60 21.85
C ILE A 404 -17.84 8.23 21.20
N GLN A 405 -18.13 8.82 20.02
CA GLN A 405 -19.34 8.56 19.23
C GLN A 405 -19.47 7.08 18.88
N VAL A 406 -18.36 6.46 18.44
CA VAL A 406 -18.28 5.04 18.05
C VAL A 406 -18.59 4.13 19.28
N ILE A 407 -18.02 4.44 20.46
CA ILE A 407 -18.23 3.64 21.68
C ILE A 407 -19.70 3.77 22.14
N LEU A 408 -20.25 5.00 22.18
CA LEU A 408 -21.64 5.27 22.59
C LEU A 408 -22.63 4.51 21.71
N ASP A 409 -22.37 4.42 20.39
CA ASP A 409 -23.21 3.67 19.45
C ASP A 409 -23.15 2.18 19.76
N ALA A 410 -21.92 1.67 20.09
CA ALA A 410 -21.71 0.26 20.44
C ALA A 410 -22.49 -0.11 21.72
N ILE A 411 -22.46 0.78 22.74
CA ILE A 411 -23.17 0.60 24.02
C ILE A 411 -24.69 0.50 23.76
N SER A 412 -25.22 1.42 22.92
CA SER A 412 -26.62 1.45 22.52
C SER A 412 -27.01 0.10 21.89
N ASN A 413 -26.18 -0.42 20.96
CA ASN A 413 -26.41 -1.71 20.30
C ASN A 413 -26.35 -2.87 21.31
N ILE A 414 -25.47 -2.76 22.34
CA ILE A 414 -25.34 -3.81 23.37
C ILE A 414 -26.62 -3.78 24.26
N PHE A 415 -27.08 -2.57 24.63
CA PHE A 415 -28.31 -2.37 25.42
C PHE A 415 -29.52 -2.84 24.65
N GLN A 416 -29.55 -2.58 23.31
CA GLN A 416 -30.63 -3.00 22.40
C GLN A 416 -30.77 -4.53 22.41
N ALA A 417 -29.64 -5.26 22.53
CA ALA A 417 -29.63 -6.72 22.60
C ALA A 417 -30.06 -7.18 24.01
N ALA A 418 -29.70 -6.40 25.05
CA ALA A 418 -30.05 -6.67 26.45
C ALA A 418 -31.55 -6.42 26.69
N GLU A 419 -32.16 -5.49 25.93
CA GLU A 419 -33.59 -5.16 25.98
C GLU A 419 -34.43 -6.35 25.53
N LYS A 420 -33.91 -7.13 24.56
CA LYS A 420 -34.55 -8.32 23.98
C LYS A 420 -34.44 -9.53 24.92
N LEU A 421 -33.61 -9.45 25.98
CA LEU A 421 -33.43 -10.51 26.96
C LEU A 421 -33.93 -10.09 28.36
N GLY A 422 -34.17 -8.78 28.53
CA GLY A 422 -34.57 -8.19 29.80
C GLY A 422 -33.45 -8.23 30.81
N GLU A 423 -32.24 -7.88 30.35
CA GLU A 423 -31.01 -7.89 31.15
C GLU A 423 -30.33 -6.51 31.15
N THR A 424 -31.11 -5.43 30.87
CA THR A 424 -30.63 -4.05 30.83
C THR A 424 -30.05 -3.60 32.17
N GLU A 425 -30.67 -4.03 33.30
CA GLU A 425 -30.21 -3.72 34.65
C GLU A 425 -28.86 -4.39 34.92
N LYS A 426 -28.73 -5.69 34.52
CA LYS A 426 -27.50 -6.47 34.67
C LYS A 426 -26.32 -5.79 33.95
N LEU A 427 -26.59 -5.21 32.75
CA LEU A 427 -25.60 -4.48 31.97
C LEU A 427 -25.33 -3.12 32.61
N SER A 428 -26.40 -2.42 33.06
CA SER A 428 -26.31 -1.11 33.72
C SER A 428 -25.40 -1.18 34.95
N ILE A 429 -25.51 -2.28 35.74
CA ILE A 429 -24.70 -2.53 36.93
C ILE A 429 -23.24 -2.76 36.51
N MET A 430 -23.01 -3.59 35.47
CA MET A 430 -21.68 -3.88 34.95
C MET A 430 -20.95 -2.61 34.51
N ILE A 431 -21.67 -1.71 33.80
CA ILE A 431 -21.15 -0.42 33.33
C ILE A 431 -20.86 0.47 34.55
N GLU A 432 -21.76 0.45 35.57
CA GLU A 432 -21.63 1.21 36.82
C GLU A 432 -20.41 0.74 37.65
N GLU A 433 -20.23 -0.60 37.78
CA GLU A 433 -19.16 -1.24 38.56
C GLU A 433 -17.74 -0.87 38.09
N CYS A 434 -17.51 -0.74 36.77
CA CYS A 434 -16.18 -0.43 36.22
C CYS A 434 -15.95 1.09 36.07
N GLY A 435 -16.89 1.90 36.56
CA GLY A 435 -16.81 3.36 36.50
C GLY A 435 -17.23 3.96 35.17
N GLY A 436 -17.99 3.18 34.40
CA GLY A 436 -18.49 3.59 33.09
C GLY A 436 -19.60 4.61 33.15
N LEU A 437 -20.45 4.54 34.20
CA LEU A 437 -21.56 5.48 34.40
C LEU A 437 -21.02 6.90 34.66
N ASP A 438 -19.92 7.04 35.42
CA ASP A 438 -19.28 8.32 35.72
C ASP A 438 -18.71 8.97 34.45
N LYS A 439 -18.30 8.15 33.46
CA LYS A 439 -17.74 8.64 32.21
C LYS A 439 -18.86 9.09 31.26
N ILE A 440 -20.01 8.36 31.23
CA ILE A 440 -21.17 8.72 30.39
C ILE A 440 -21.84 10.00 30.98
N GLU A 441 -21.80 10.17 32.33
CA GLU A 441 -22.35 11.32 33.06
C GLU A 441 -21.67 12.63 32.64
N ALA A 442 -20.33 12.63 32.54
CA ALA A 442 -19.54 13.79 32.12
C ALA A 442 -19.74 14.11 30.64
N LEU A 443 -20.08 13.09 29.82
CA LEU A 443 -20.32 13.22 28.37
C LEU A 443 -21.66 13.92 28.08
N GLN A 444 -22.50 14.14 29.12
CA GLN A 444 -23.77 14.87 28.98
C GLN A 444 -23.46 16.36 28.85
N ARG A 445 -22.38 16.81 29.51
CA ARG A 445 -21.90 18.19 29.51
C ARG A 445 -20.70 18.32 28.53
N HIS A 446 -20.82 17.72 27.33
CA HIS A 446 -19.80 17.69 26.28
C HIS A 446 -20.16 18.63 25.12
N GLU A 447 -19.11 19.25 24.53
CA GLU A 447 -19.12 20.20 23.41
C GLU A 447 -19.91 19.70 22.18
N ASN A 448 -19.66 18.45 21.74
CA ASN A 448 -20.29 17.87 20.55
C ASN A 448 -21.77 17.53 20.78
N GLU A 449 -22.59 17.80 19.75
CA GLU A 449 -24.04 17.60 19.69
C GLU A 449 -24.40 16.10 19.77
N SER A 450 -23.76 15.24 18.94
CA SER A 450 -24.00 13.79 18.87
C SER A 450 -23.65 13.10 20.18
N VAL A 451 -22.56 13.53 20.84
CA VAL A 451 -22.08 12.98 22.12
C VAL A 451 -23.11 13.29 23.22
N TYR A 452 -23.55 14.57 23.30
CA TYR A 452 -24.53 15.09 24.27
C TYR A 452 -25.85 14.31 24.20
N LYS A 453 -26.42 14.18 22.98
CA LYS A 453 -27.70 13.52 22.73
C LYS A 453 -27.66 12.01 23.03
N ALA A 454 -26.57 11.32 22.62
CA ALA A 454 -26.41 9.87 22.83
C ALA A 454 -26.20 9.52 24.31
N SER A 455 -25.35 10.29 25.03
CA SER A 455 -25.07 10.05 26.46
C SER A 455 -26.31 10.35 27.34
N LEU A 456 -26.98 11.50 27.10
CA LEU A 456 -28.20 11.90 27.82
C LEU A 456 -29.30 10.85 27.61
N ASN A 457 -29.44 10.33 26.36
CA ASN A 457 -30.40 9.30 26.00
C ASN A 457 -30.15 7.99 26.77
N LEU A 458 -28.87 7.54 26.85
CA LEU A 458 -28.47 6.31 27.54
C LEU A 458 -28.78 6.35 29.03
N ILE A 459 -28.51 7.50 29.68
CA ILE A 459 -28.74 7.71 31.11
C ILE A 459 -30.26 7.74 31.41
N GLU A 460 -31.05 8.52 30.65
CA GLU A 460 -32.50 8.60 30.86
C GLU A 460 -33.24 7.30 30.45
N LYS A 461 -32.59 6.43 29.64
CA LYS A 461 -33.21 5.19 29.18
C LYS A 461 -32.78 3.97 30.02
N TYR A 462 -31.56 3.96 30.59
CA TYR A 462 -31.07 2.79 31.32
C TYR A 462 -30.46 3.06 32.71
N PHE A 463 -30.28 4.34 33.10
CA PHE A 463 -29.69 4.64 34.41
C PHE A 463 -30.59 5.53 35.29
N SER A 464 -30.30 5.66 36.50
N LEU B 6 8.90 2.14 -3.98
CA LEU B 6 8.25 3.02 -3.01
C LEU B 6 8.35 4.48 -3.49
N GLY B 7 7.95 4.67 -4.75
CA GLY B 7 7.90 5.95 -5.44
C GLY B 7 8.94 6.00 -6.53
N LYS B 8 10.11 6.56 -6.19
CA LYS B 8 11.26 6.75 -7.07
C LYS B 8 12.53 6.26 -6.38
N ARG B 9 13.50 5.81 -7.17
CA ARG B 9 14.79 5.32 -6.66
C ARG B 9 15.92 5.74 -7.58
N LYS B 10 17.00 6.24 -6.99
CA LYS B 10 18.21 6.58 -7.74
C LYS B 10 19.13 5.34 -7.75
N TYR B 11 20.00 5.21 -8.77
CA TYR B 11 20.95 4.11 -8.93
C TYR B 11 22.34 4.53 -8.44
#